data_8EF1
#
_entry.id   8EF1
#
_cell.length_a   71.480
_cell.length_b   80.123
_cell.length_c   175.490
_cell.angle_alpha   90.000
_cell.angle_beta   90.000
_cell.angle_gamma   90.000
#
_symmetry.space_group_name_H-M   'C 2 2 21'
#
loop_
_entity.id
_entity.type
_entity.pdbx_description
1 polymer 'rhMZ103-A antibody heavy chain'
2 polymer 'rhMZ103-A antibody light chain'
3 water water
#
loop_
_entity_poly.entity_id
_entity_poly.type
_entity_poly.pdbx_seq_one_letter_code
_entity_poly.pdbx_strand_id
1 'polypeptide(L)'
;QVQLQESGPGLVKPSETLSLTCAVSGGSISGGYDWSWIRQPPGKGLEWIGYIYGSSGSTNYNPSLKNRVTISKDTSKNQF
SLKLSSVTAADTAVYYCARPAYYEDDYGYYYTTPIFDYWGQGVLVTVSSASTKGPSVFPLAPSSRSTSESTAALGCLVKD
YFPEPVTVSWNSGSLTSGVHTFPAVLQSSGLYSLSSVVTVPSSSLGTQTYVCNVNHKPSNTKVDKRVEIK
;
H
2 'polypeptide(L)'
;QSVLTQPPSASGAPGQSVTISCSGSSSNIGSNYVYWYQQLPGTAPKLLIYYSNQRPSGVPDRFSGSKSGTSASLAITGLR
SEDEADYYCAAWDNSLSSVLFGGGTRLTVLGQPKAAPSVTLFPPSSEELQANKATLVCLISDFYPGAVEVAWKADGSAVN
AGVETTKPSKQSNNKYAASSYLSLTSDQWKSHKSYSCQVTHEGSTVEKTVAPAE
;
L
#
# COMPACT_ATOMS: atom_id res chain seq x y z
N GLN A 1 4.16 -14.62 20.76
CA GLN A 1 3.88 -13.90 19.53
C GLN A 1 4.01 -12.39 19.71
N VAL A 2 5.21 -11.86 19.42
CA VAL A 2 5.43 -10.43 19.48
C VAL A 2 4.65 -9.77 18.36
N GLN A 3 3.80 -8.80 18.71
CA GLN A 3 2.96 -8.12 17.74
C GLN A 3 2.86 -6.63 18.09
N LEU A 4 2.92 -5.80 17.06
CA LEU A 4 2.81 -4.36 17.20
C LEU A 4 1.60 -3.89 16.39
N GLN A 5 0.95 -2.83 16.86
CA GLN A 5 -0.26 -2.35 16.20
C GLN A 5 -0.34 -0.84 16.36
N GLU A 6 -0.25 -0.11 15.26
CA GLU A 6 -0.36 1.34 15.29
C GLU A 6 -1.82 1.76 15.44
N SER A 7 -2.03 2.92 16.07
CA SER A 7 -3.35 3.52 16.13
C SER A 7 -3.20 5.03 16.29
N GLY A 8 -4.15 5.76 15.73
CA GLY A 8 -4.13 7.21 15.82
C GLY A 8 -4.92 7.82 14.68
N PRO A 9 -5.15 9.13 14.77
CA PRO A 9 -5.98 9.81 13.76
C PRO A 9 -5.35 9.73 12.38
N GLY A 10 -6.20 9.44 11.38
CA GLY A 10 -5.74 9.37 10.00
C GLY A 10 -5.64 10.70 9.30
N LEU A 11 -6.18 11.76 9.89
CA LEU A 11 -6.18 13.09 9.29
C LEU A 11 -5.63 14.07 10.31
N VAL A 12 -4.67 14.89 9.88
CA VAL A 12 -4.09 15.91 10.74
C VAL A 12 -4.00 17.20 9.94
N LYS A 13 -4.43 18.31 10.55
CA LYS A 13 -4.44 19.56 9.79
C LYS A 13 -3.04 20.18 9.78
N PRO A 14 -2.68 20.86 8.69
CA PRO A 14 -1.35 21.47 8.60
C PRO A 14 -1.09 22.40 9.79
N SER A 15 0.14 22.33 10.30
CA SER A 15 0.70 23.07 11.43
C SER A 15 0.28 22.48 12.78
N GLU A 16 -0.57 21.46 12.80
CA GLU A 16 -0.95 20.84 14.07
C GLU A 16 -0.01 19.66 14.35
N THR A 17 -0.29 18.91 15.41
CA THR A 17 0.60 17.86 15.88
C THR A 17 0.00 16.50 15.56
N LEU A 18 0.77 15.68 14.82
CA LEU A 18 0.44 14.28 14.60
C LEU A 18 0.77 13.48 15.85
N SER A 19 -0.16 12.64 16.28
CA SER A 19 0.01 11.81 17.49
C SER A 19 -0.39 10.38 17.17
N LEU A 20 0.50 9.43 17.43
CA LEU A 20 0.25 8.03 17.15
C LEU A 20 0.73 7.20 18.33
N THR A 21 0.10 6.03 18.52
CA THR A 21 0.58 5.08 19.51
C THR A 21 0.75 3.71 18.86
N CYS A 22 1.59 2.90 19.49
CA CYS A 22 1.87 1.53 19.05
C CYS A 22 1.64 0.62 20.24
N ALA A 23 0.60 -0.21 20.17
CA ALA A 23 0.32 -1.17 21.23
C ALA A 23 1.17 -2.41 21.01
N VAL A 24 1.92 -2.81 22.03
CA VAL A 24 2.81 -3.96 21.96
C VAL A 24 2.21 -5.10 22.78
N SER A 25 2.16 -6.29 22.17
CA SER A 25 1.77 -7.49 22.89
C SER A 25 2.79 -8.60 22.59
N GLY A 26 2.79 -9.62 23.44
CA GLY A 26 3.76 -10.68 23.31
C GLY A 26 5.15 -10.31 23.78
N GLY A 27 5.27 -9.24 24.56
CA GLY A 27 6.57 -8.78 25.05
C GLY A 27 6.46 -7.46 25.78
N SER A 28 7.30 -7.25 26.79
CA SER A 28 7.22 -6.04 27.59
C SER A 28 7.89 -4.87 26.88
N ILE A 29 7.31 -3.68 27.03
CA ILE A 29 7.92 -2.47 26.48
C ILE A 29 9.24 -2.15 27.17
N SER A 30 9.47 -2.67 28.37
CA SER A 30 10.73 -2.46 29.06
C SER A 30 11.85 -3.36 28.56
N GLY A 31 11.63 -4.12 27.49
CA GLY A 31 12.70 -4.91 26.93
C GLY A 31 13.79 -4.04 26.31
N GLY A 32 14.99 -4.60 26.22
CA GLY A 32 16.12 -3.88 25.67
C GLY A 32 16.04 -3.75 24.16
N TYR A 33 15.10 -2.95 23.68
CA TYR A 33 14.84 -2.81 22.26
C TYR A 33 14.73 -1.33 21.90
N ASP A 34 15.19 -1.00 20.68
CA ASP A 34 14.99 0.32 20.10
C ASP A 34 13.59 0.34 19.50
N TRP A 35 12.60 0.74 20.31
CA TRP A 35 11.23 0.80 19.81
C TRP A 35 11.14 1.93 18.79
N SER A 36 10.90 1.59 17.53
CA SER A 36 11.21 2.49 16.42
C SER A 36 9.96 2.89 15.65
N TRP A 37 10.01 4.11 15.10
CA TRP A 37 9.02 4.61 14.15
C TRP A 37 9.69 4.83 12.80
N ILE A 38 9.04 4.37 11.74
CA ILE A 38 9.52 4.51 10.37
C ILE A 38 8.32 4.94 9.55
N ARG A 39 8.52 5.80 8.57
CA ARG A 39 7.40 6.26 7.76
C ARG A 39 7.72 6.15 6.28
N GLN A 40 6.67 6.16 5.49
CA GLN A 40 6.79 5.98 4.04
C GLN A 40 5.66 6.73 3.38
N PRO A 41 5.95 7.89 2.78
CA PRO A 41 4.95 8.58 1.96
C PRO A 41 4.43 7.65 0.88
N PRO A 42 3.13 7.73 0.56
CA PRO A 42 2.57 6.90 -0.51
C PRO A 42 3.40 7.02 -1.78
N GLY A 43 3.84 5.88 -2.29
CA GLY A 43 4.59 5.86 -3.53
C GLY A 43 6.03 6.29 -3.42
N LYS A 44 6.57 6.44 -2.20
CA LYS A 44 7.94 6.91 -2.02
C LYS A 44 8.70 6.00 -1.06
N GLY A 45 9.89 6.41 -0.63
CA GLY A 45 10.77 5.52 0.10
C GLY A 45 10.62 5.63 1.62
N LEU A 46 11.36 4.76 2.29
CA LEU A 46 11.33 4.69 3.74
C LEU A 46 12.14 5.83 4.36
N GLU A 47 11.67 6.33 5.50
CA GLU A 47 12.43 7.29 6.29
C GLU A 47 12.35 6.91 7.76
N TRP A 48 13.51 6.78 8.40
CA TRP A 48 13.59 6.50 9.83
C TRP A 48 13.27 7.76 10.63
N ILE A 49 12.40 7.63 11.62
CA ILE A 49 12.01 8.75 12.48
C ILE A 49 12.81 8.75 13.79
N GLY A 50 12.87 7.61 14.46
CA GLY A 50 13.65 7.53 15.68
C GLY A 50 13.23 6.34 16.51
N TYR A 51 13.78 6.29 17.72
CA TYR A 51 13.43 5.24 18.66
C TYR A 51 13.41 5.79 20.08
N ILE A 52 12.77 5.02 20.96
CA ILE A 52 12.98 5.11 22.41
C ILE A 52 13.44 3.73 22.86
N TYR A 53 14.50 3.68 23.66
CA TYR A 53 15.06 2.41 24.10
C TYR A 53 14.29 1.93 25.32
N GLY A 54 13.75 0.70 25.25
CA GLY A 54 12.76 0.27 26.23
C GLY A 54 13.29 0.17 27.64
N SER A 55 14.57 -0.14 27.80
CA SER A 55 15.14 -0.36 29.12
C SER A 55 15.88 0.86 29.67
N SER A 56 15.83 2.00 28.98
CA SER A 56 16.41 3.22 29.54
C SER A 56 15.56 4.47 29.37
N GLY A 57 14.70 4.55 28.36
CA GLY A 57 14.04 5.78 27.99
C GLY A 57 14.85 6.69 27.09
N SER A 58 16.08 6.31 26.74
CA SER A 58 16.90 7.12 25.85
C SER A 58 16.28 7.18 24.46
N THR A 59 16.31 8.36 23.84
CA THR A 59 15.74 8.58 22.52
C THR A 59 16.81 9.04 21.53
N ASN A 60 16.52 8.84 20.25
CA ASN A 60 17.36 9.32 19.18
C ASN A 60 16.47 9.55 17.98
N TYR A 61 16.64 10.68 17.31
CA TYR A 61 15.73 11.10 16.26
C TYR A 61 16.49 11.44 14.98
N ASN A 62 15.79 11.33 13.85
CA ASN A 62 16.31 11.80 12.57
C ASN A 62 16.39 13.32 12.59
N PRO A 63 17.57 13.92 12.39
CA PRO A 63 17.66 15.40 12.38
C PRO A 63 16.89 16.04 11.25
N SER A 64 16.46 15.28 10.24
CA SER A 64 15.61 15.84 9.19
C SER A 64 14.29 16.36 9.74
N LEU A 65 13.89 15.90 10.93
CA LEU A 65 12.64 16.30 11.55
C LEU A 65 12.78 17.54 12.42
N LYS A 66 14.01 18.01 12.66
CA LYS A 66 14.27 19.36 13.16
C LYS A 66 13.51 19.67 14.45
N ASN A 67 13.73 18.87 15.48
CA ASN A 67 13.18 19.10 16.81
C ASN A 67 11.64 19.11 16.83
N ARG A 68 10.99 18.53 15.84
CA ARG A 68 9.54 18.42 15.83
C ARG A 68 9.04 17.13 16.45
N VAL A 69 9.93 16.22 16.84
CA VAL A 69 9.57 14.84 17.12
C VAL A 69 9.82 14.53 18.60
N THR A 70 8.86 13.85 19.21
CA THR A 70 9.00 13.28 20.55
C THR A 70 8.51 11.84 20.50
N ILE A 71 9.29 10.91 21.05
CA ILE A 71 8.86 9.53 21.16
C ILE A 71 8.85 9.20 22.65
N SER A 72 7.72 8.65 23.13
CA SER A 72 7.52 8.35 24.54
C SER A 72 7.08 6.91 24.69
N LYS A 73 6.98 6.46 25.95
CA LYS A 73 6.52 5.11 26.21
C LYS A 73 5.72 5.09 27.52
N ASP A 74 4.85 4.08 27.64
CA ASP A 74 3.94 3.95 28.77
C ASP A 74 3.95 2.49 29.22
N THR A 75 4.61 2.21 30.34
CA THR A 75 4.71 0.83 30.81
C THR A 75 3.37 0.29 31.28
N SER A 76 2.49 1.14 31.81
CA SER A 76 1.22 0.64 32.32
C SER A 76 0.31 0.18 31.17
N LYS A 77 0.46 0.78 29.99
CA LYS A 77 -0.29 0.37 28.82
C LYS A 77 0.50 -0.53 27.89
N ASN A 78 1.79 -0.72 28.14
CA ASN A 78 2.70 -1.47 27.27
C ASN A 78 2.64 -0.95 25.83
N GLN A 79 2.91 0.34 25.69
CA GLN A 79 2.87 1.02 24.41
C GLN A 79 4.00 2.03 24.34
N PHE A 80 4.37 2.40 23.12
CA PHE A 80 5.15 3.61 22.91
C PHE A 80 4.45 4.46 21.85
N SER A 81 4.85 5.72 21.75
CA SER A 81 4.04 6.67 20.99
C SER A 81 4.93 7.66 20.26
N LEU A 82 4.32 8.36 19.31
CA LEU A 82 5.00 9.35 18.47
C LEU A 82 4.19 10.64 18.44
N LYS A 83 4.87 11.77 18.62
CA LYS A 83 4.29 13.09 18.42
C LYS A 83 5.16 13.86 17.43
N LEU A 84 4.54 14.40 16.39
CA LEU A 84 5.27 15.17 15.38
C LEU A 84 4.53 16.49 15.21
N SER A 85 5.19 17.58 15.59
CA SER A 85 4.53 18.88 15.60
C SER A 85 4.73 19.61 14.28
N SER A 86 3.90 20.63 14.06
CA SER A 86 4.00 21.56 12.93
C SER A 86 4.07 20.82 11.59
N VAL A 87 3.11 19.92 11.36
CA VAL A 87 3.17 19.05 10.19
C VAL A 87 2.84 19.82 8.91
N THR A 88 3.35 19.30 7.80
CA THR A 88 3.00 19.74 6.44
C THR A 88 2.71 18.52 5.60
N ALA A 89 2.43 18.76 4.31
CA ALA A 89 2.18 17.67 3.37
C ALA A 89 3.36 16.71 3.31
N ALA A 90 4.57 17.18 3.60
CA ALA A 90 5.72 16.29 3.63
C ALA A 90 5.61 15.23 4.73
N ASP A 91 4.68 15.39 5.67
CA ASP A 91 4.50 14.43 6.74
C ASP A 91 3.39 13.43 6.47
N THR A 92 2.68 13.56 5.35
CA THR A 92 1.73 12.53 4.95
C THR A 92 2.48 11.24 4.65
N ALA A 93 2.11 10.15 5.32
CA ALA A 93 2.85 8.90 5.17
C ALA A 93 2.10 7.78 5.87
N VAL A 94 2.44 6.55 5.49
CA VAL A 94 2.16 5.40 6.34
C VAL A 94 3.23 5.36 7.42
N TYR A 95 2.80 5.29 8.68
CA TYR A 95 3.70 5.27 9.82
C TYR A 95 3.74 3.85 10.36
N TYR A 96 4.95 3.29 10.49
CA TYR A 96 5.16 1.96 11.02
C TYR A 96 5.85 2.04 12.37
N CYS A 97 5.40 1.24 13.33
CA CYS A 97 6.24 0.94 14.48
C CYS A 97 6.91 -0.41 14.27
N ALA A 98 8.10 -0.56 14.85
CA ALA A 98 8.92 -1.71 14.56
C ALA A 98 9.79 -2.01 15.76
N ARG A 99 10.22 -3.27 15.85
CA ARG A 99 11.12 -3.73 16.90
C ARG A 99 12.30 -4.46 16.29
N PRO A 100 13.52 -4.25 16.83
CA PRO A 100 14.66 -5.06 16.39
C PRO A 100 14.59 -6.50 16.85
N ALA A 101 15.61 -7.27 16.48
CA ALA A 101 15.88 -8.59 17.01
C ALA A 101 17.36 -8.67 17.33
N TYR A 102 17.71 -9.65 18.15
CA TYR A 102 19.10 -9.85 18.57
C TYR A 102 19.78 -10.83 17.62
N TYR A 103 20.75 -10.35 16.85
CA TYR A 103 21.65 -11.19 16.07
C TYR A 103 23.08 -10.91 16.52
N GLU A 104 23.77 -11.95 16.98
CA GLU A 104 25.15 -11.77 17.40
C GLU A 104 26.06 -11.56 16.19
N ASP A 105 26.88 -10.51 16.23
CA ASP A 105 27.81 -10.27 15.14
C ASP A 105 29.10 -11.05 15.38
N ASP A 106 30.09 -10.84 14.53
CA ASP A 106 31.33 -11.62 14.63
C ASP A 106 32.08 -11.36 15.93
N TYR A 107 31.86 -10.21 16.58
CA TYR A 107 32.56 -9.87 17.80
C TYR A 107 31.69 -10.03 19.05
N GLY A 108 30.51 -10.63 18.92
CA GLY A 108 29.69 -10.96 20.07
C GLY A 108 28.67 -9.91 20.45
N TYR A 109 28.48 -8.89 19.64
CA TYR A 109 27.59 -7.79 19.97
C TYR A 109 26.27 -7.92 19.22
N TYR A 110 25.25 -7.23 19.75
CA TYR A 110 24.00 -6.99 19.05
C TYR A 110 23.97 -5.52 18.66
N TYR A 111 23.82 -5.24 17.37
CA TYR A 111 23.56 -3.89 16.88
C TYR A 111 22.09 -3.85 16.45
N THR A 112 21.23 -3.35 17.32
CA THR A 112 19.80 -3.45 17.13
C THR A 112 19.19 -2.24 16.41
N THR A 113 19.82 -1.07 16.52
CA THR A 113 19.18 0.16 16.06
C THR A 113 18.73 0.13 14.59
N PRO A 114 19.50 -0.37 13.63
CA PRO A 114 19.02 -0.38 12.23
C PRO A 114 18.31 -1.66 11.82
N ILE A 115 18.03 -2.57 12.76
CA ILE A 115 17.37 -3.83 12.48
C ILE A 115 15.90 -3.67 12.80
N PHE A 116 15.05 -3.90 11.81
CA PHE A 116 13.60 -3.83 11.97
C PHE A 116 13.06 -5.20 11.57
N ASP A 117 12.90 -6.07 12.55
CA ASP A 117 12.52 -7.45 12.31
C ASP A 117 11.04 -7.72 12.50
N TYR A 118 10.37 -6.99 13.41
CA TYR A 118 8.93 -7.10 13.59
C TYR A 118 8.32 -5.74 13.31
N TRP A 119 7.33 -5.70 12.42
CA TRP A 119 6.70 -4.47 11.98
C TRP A 119 5.22 -4.47 12.32
N GLY A 120 4.69 -3.30 12.63
CA GLY A 120 3.26 -3.13 12.67
C GLY A 120 2.70 -3.21 11.26
N GLN A 121 1.37 -3.14 11.16
CA GLN A 121 0.73 -3.11 9.85
C GLN A 121 0.83 -1.74 9.19
N GLY A 122 1.13 -0.70 9.95
CA GLY A 122 1.24 0.65 9.42
C GLY A 122 -0.10 1.37 9.44
N VAL A 123 -0.04 2.67 9.69
CA VAL A 123 -1.24 3.51 9.71
C VAL A 123 -1.01 4.71 8.81
N LEU A 124 -1.95 4.95 7.91
CA LEU A 124 -1.84 6.08 7.01
C LEU A 124 -2.25 7.35 7.75
N VAL A 125 -1.39 8.36 7.73
CA VAL A 125 -1.77 9.67 8.23
C VAL A 125 -1.67 10.65 7.08
N THR A 126 -2.79 11.29 6.76
CA THR A 126 -2.85 12.28 5.70
C THR A 126 -2.85 13.65 6.35
N VAL A 127 -1.88 14.49 5.99
CA VAL A 127 -1.86 15.87 6.45
C VAL A 127 -2.63 16.69 5.43
N SER A 128 -3.77 17.22 5.84
CA SER A 128 -4.65 17.91 4.91
C SER A 128 -5.55 18.84 5.69
N SER A 129 -5.88 19.97 5.07
CA SER A 129 -6.81 20.93 5.66
C SER A 129 -8.26 20.63 5.33
N ALA A 130 -8.52 19.61 4.50
CA ALA A 130 -9.86 19.25 4.11
C ALA A 130 -10.53 18.39 5.19
N SER A 131 -11.85 18.43 5.22
CA SER A 131 -12.60 17.78 6.28
C SER A 131 -12.74 16.28 6.03
N THR A 132 -12.93 15.53 7.10
CA THR A 132 -13.29 14.12 6.99
C THR A 132 -14.68 14.02 6.34
N LYS A 133 -14.87 12.97 5.55
CA LYS A 133 -16.17 12.73 4.92
C LYS A 133 -16.38 11.23 4.86
N GLY A 134 -17.48 10.77 5.46
CA GLY A 134 -17.80 9.36 5.46
C GLY A 134 -18.32 8.95 4.10
N PRO A 135 -18.25 7.66 3.78
CA PRO A 135 -18.68 7.21 2.46
C PRO A 135 -20.17 6.89 2.37
N SER A 136 -20.68 7.00 1.14
CA SER A 136 -21.94 6.38 0.75
C SER A 136 -21.63 5.04 0.11
N VAL A 137 -22.34 3.98 0.51
CA VAL A 137 -22.05 2.63 0.02
C VAL A 137 -23.23 2.18 -0.83
N PHE A 138 -22.94 1.82 -2.08
CA PHE A 138 -23.96 1.35 -3.00
C PHE A 138 -23.64 -0.06 -3.47
N PRO A 139 -24.65 -0.89 -3.68
CA PRO A 139 -24.39 -2.25 -4.18
C PRO A 139 -24.03 -2.24 -5.66
N LEU A 140 -23.08 -3.08 -6.02
CA LEU A 140 -22.76 -3.33 -7.42
C LEU A 140 -23.35 -4.69 -7.75
N ALA A 141 -24.54 -4.69 -8.31
CA ALA A 141 -25.22 -5.95 -8.50
C ALA A 141 -25.03 -6.46 -9.92
N PRO A 142 -24.93 -7.79 -10.10
CA PRO A 142 -24.77 -8.42 -11.41
C PRO A 142 -26.09 -8.54 -12.15
N SER A 146 -13.74 -14.08 -21.19
CA SER A 146 -13.63 -15.52 -21.05
C SER A 146 -14.92 -16.14 -20.48
N THR A 147 -15.78 -15.29 -19.91
CA THR A 147 -16.97 -15.76 -19.20
C THR A 147 -17.89 -14.56 -19.01
N SER A 148 -19.19 -14.83 -18.90
CA SER A 148 -20.08 -13.75 -18.45
C SER A 148 -21.02 -14.15 -17.32
N GLU A 149 -21.55 -15.39 -17.29
CA GLU A 149 -22.57 -15.70 -16.31
C GLU A 149 -22.47 -17.06 -15.63
N SER A 150 -21.38 -17.81 -15.78
CA SER A 150 -21.22 -18.98 -14.92
C SER A 150 -20.81 -18.56 -13.52
N THR A 151 -19.98 -17.54 -13.43
CA THR A 151 -19.69 -16.84 -12.19
C THR A 151 -20.27 -15.44 -12.31
N ALA A 152 -20.52 -14.82 -11.16
CA ALA A 152 -21.08 -13.49 -11.12
C ALA A 152 -20.19 -12.62 -10.25
N ALA A 153 -19.86 -11.43 -10.74
CA ALA A 153 -19.17 -10.42 -9.94
C ALA A 153 -20.23 -9.53 -9.29
N LEU A 154 -20.23 -9.49 -7.97
CA LEU A 154 -21.04 -8.51 -7.25
C LEU A 154 -20.14 -7.73 -6.34
N GLY A 155 -20.57 -6.52 -5.98
CA GLY A 155 -19.63 -5.71 -5.24
C GLY A 155 -20.29 -4.60 -4.47
N CYS A 156 -19.45 -3.75 -3.88
CA CYS A 156 -19.89 -2.53 -3.23
C CYS A 156 -19.07 -1.38 -3.75
N LEU A 157 -19.75 -0.30 -4.13
CA LEU A 157 -19.11 0.95 -4.50
C LEU A 157 -19.08 1.83 -3.24
N VAL A 158 -17.89 2.17 -2.79
CA VAL A 158 -17.69 3.01 -1.62
C VAL A 158 -17.38 4.41 -2.14
N LYS A 159 -18.37 5.30 -2.09
CA LYS A 159 -18.34 6.52 -2.87
C LYS A 159 -18.08 7.76 -2.01
N ASP A 160 -17.19 8.63 -2.50
CA ASP A 160 -17.04 10.01 -2.02
C ASP A 160 -16.67 10.08 -0.53
N TYR A 161 -15.47 9.57 -0.21
CA TYR A 161 -14.96 9.66 1.16
C TYR A 161 -13.61 10.37 1.19
N PHE A 162 -13.20 10.72 2.42
CA PHE A 162 -11.93 11.37 2.68
C PHE A 162 -11.60 11.33 4.17
N PRO A 163 -10.35 11.04 4.55
CA PRO A 163 -9.25 10.64 3.68
C PRO A 163 -9.23 9.13 3.49
N GLU A 164 -8.19 8.62 2.82
CA GLU A 164 -7.93 7.21 2.83
C GLU A 164 -7.56 6.78 4.25
N PRO A 165 -7.68 5.47 4.58
CA PRO A 165 -8.17 4.37 3.75
C PRO A 165 -9.57 3.91 4.09
N VAL A 166 -10.09 3.03 3.24
CA VAL A 166 -11.29 2.24 3.50
C VAL A 166 -10.90 0.79 3.39
N THR A 167 -11.34 -0.04 4.33
CA THR A 167 -11.21 -1.48 4.20
C THR A 167 -12.58 -2.09 3.92
N VAL A 168 -12.58 -3.15 3.11
CA VAL A 168 -13.78 -3.92 2.85
C VAL A 168 -13.47 -5.39 3.06
N SER A 169 -14.30 -6.07 3.85
CA SER A 169 -14.34 -7.52 3.90
C SER A 169 -15.72 -7.97 3.44
N TRP A 170 -15.89 -9.28 3.29
CA TRP A 170 -17.16 -9.84 2.82
C TRP A 170 -17.61 -10.92 3.79
N ASN A 171 -18.89 -10.88 4.15
CA ASN A 171 -19.49 -11.80 5.11
C ASN A 171 -18.64 -11.93 6.38
N SER A 172 -18.22 -10.78 6.91
CA SER A 172 -17.45 -10.67 8.14
C SER A 172 -16.11 -11.40 8.08
N GLY A 173 -15.55 -11.58 6.88
CA GLY A 173 -14.30 -12.29 6.72
C GLY A 173 -14.43 -13.76 6.41
N SER A 174 -15.64 -14.32 6.44
CA SER A 174 -15.85 -15.71 6.06
C SER A 174 -15.66 -15.92 4.56
N LEU A 175 -15.80 -14.86 3.76
CA LEU A 175 -15.68 -14.94 2.32
C LEU A 175 -14.39 -14.24 1.90
N THR A 176 -13.41 -15.02 1.44
CA THR A 176 -12.12 -14.44 1.09
C THR A 176 -11.70 -14.80 -0.33
N SER A 177 -12.09 -15.97 -0.81
CA SER A 177 -11.76 -16.39 -2.17
C SER A 177 -12.52 -15.56 -3.19
N GLY A 178 -11.81 -15.11 -4.23
CA GLY A 178 -12.42 -14.32 -5.29
C GLY A 178 -12.72 -12.88 -4.95
N VAL A 179 -12.21 -12.37 -3.83
CA VAL A 179 -12.43 -10.99 -3.43
C VAL A 179 -11.35 -10.12 -4.05
N HIS A 180 -11.76 -8.99 -4.62
CA HIS A 180 -10.79 -8.02 -5.15
C HIS A 180 -11.28 -6.63 -4.76
N THR A 181 -10.54 -5.98 -3.87
CA THR A 181 -10.80 -4.60 -3.49
C THR A 181 -9.81 -3.72 -4.25
N PHE A 182 -10.35 -2.81 -5.09
CA PHE A 182 -9.47 -2.08 -5.99
C PHE A 182 -8.92 -0.84 -5.32
N PRO A 183 -7.73 -0.39 -5.74
CA PRO A 183 -7.24 0.93 -5.31
C PRO A 183 -8.24 2.02 -5.65
N ALA A 184 -8.34 3.01 -4.77
CA ALA A 184 -9.36 4.05 -4.92
C ALA A 184 -9.01 5.00 -6.04
N VAL A 185 -10.06 5.57 -6.63
CA VAL A 185 -9.91 6.67 -7.59
C VAL A 185 -10.05 7.96 -6.79
N LEU A 186 -9.27 8.96 -7.17
CA LEU A 186 -9.42 10.30 -6.61
C LEU A 186 -10.16 11.15 -7.63
N GLN A 187 -11.41 11.49 -7.32
CA GLN A 187 -12.23 12.28 -8.24
C GLN A 187 -11.89 13.77 -8.14
N SER A 188 -12.32 14.51 -9.17
CA SER A 188 -12.02 15.95 -9.23
C SER A 188 -12.60 16.72 -8.05
N SER A 189 -13.57 16.15 -7.34
CA SER A 189 -14.10 16.77 -6.12
C SER A 189 -13.11 16.75 -4.98
N GLY A 190 -12.01 16.01 -5.10
CA GLY A 190 -11.09 15.80 -4.00
C GLY A 190 -11.47 14.65 -3.10
N LEU A 191 -12.55 13.94 -3.41
CA LEU A 191 -13.01 12.80 -2.63
C LEU A 191 -12.64 11.51 -3.33
N TYR A 192 -12.44 10.46 -2.55
CA TYR A 192 -12.10 9.14 -3.07
C TYR A 192 -13.36 8.30 -3.27
N SER A 193 -13.26 7.37 -4.22
CA SER A 193 -14.19 6.25 -4.31
C SER A 193 -13.38 4.98 -4.56
N LEU A 194 -13.87 3.86 -4.05
CA LEU A 194 -13.30 2.57 -4.43
C LEU A 194 -14.43 1.57 -4.64
N SER A 195 -14.09 0.44 -5.25
CA SER A 195 -15.00 -0.67 -5.46
C SER A 195 -14.35 -1.96 -4.97
N SER A 196 -15.14 -2.78 -4.30
CA SER A 196 -14.72 -4.10 -3.85
C SER A 196 -15.68 -5.09 -4.46
N VAL A 197 -15.15 -6.15 -5.05
CA VAL A 197 -15.96 -7.11 -5.80
C VAL A 197 -15.56 -8.52 -5.37
N VAL A 198 -16.55 -9.40 -5.26
CA VAL A 198 -16.32 -10.82 -5.08
C VAL A 198 -16.96 -11.58 -6.24
N THR A 199 -16.21 -12.52 -6.80
CA THR A 199 -16.68 -13.36 -7.89
C THR A 199 -17.15 -14.69 -7.31
N VAL A 200 -18.41 -15.04 -7.54
CA VAL A 200 -19.05 -16.17 -6.87
C VAL A 200 -19.73 -17.02 -7.93
N PRO A 201 -19.96 -18.31 -7.64
CA PRO A 201 -20.77 -19.12 -8.56
C PRO A 201 -22.17 -18.56 -8.67
N SER A 202 -22.65 -18.45 -9.92
CA SER A 202 -23.95 -17.80 -10.14
C SER A 202 -25.07 -18.55 -9.44
N SER A 203 -24.90 -19.86 -9.23
CA SER A 203 -25.89 -20.64 -8.51
C SER A 203 -26.07 -20.15 -7.08
N SER A 204 -25.01 -19.64 -6.47
CA SER A 204 -25.05 -19.23 -5.08
C SER A 204 -25.80 -17.93 -4.86
N LEU A 205 -26.22 -17.25 -5.93
CA LEU A 205 -26.91 -15.97 -5.78
C LEU A 205 -28.23 -16.11 -5.06
N GLY A 206 -28.81 -17.31 -5.04
CA GLY A 206 -30.04 -17.53 -4.30
C GLY A 206 -29.78 -18.06 -2.90
N THR A 207 -28.95 -19.09 -2.81
CA THR A 207 -28.73 -19.81 -1.57
C THR A 207 -27.76 -19.11 -0.62
N GLN A 208 -27.16 -17.99 -1.02
CA GLN A 208 -26.13 -17.35 -0.21
C GLN A 208 -26.35 -15.84 -0.17
N THR A 209 -26.36 -15.27 1.03
CA THR A 209 -26.40 -13.83 1.18
C THR A 209 -24.99 -13.27 1.16
N TYR A 210 -24.84 -12.09 0.57
CA TYR A 210 -23.53 -11.46 0.42
C TYR A 210 -23.60 -10.07 1.01
N VAL A 211 -22.72 -9.79 1.97
CA VAL A 211 -22.67 -8.51 2.66
C VAL A 211 -21.23 -8.00 2.62
N CYS A 212 -21.05 -6.76 2.18
CA CYS A 212 -19.73 -6.14 2.25
C CYS A 212 -19.64 -5.33 3.53
N ASN A 213 -18.55 -5.52 4.26
CA ASN A 213 -18.32 -4.84 5.54
C ASN A 213 -17.33 -3.71 5.27
N VAL A 214 -17.85 -2.49 5.16
CA VAL A 214 -17.04 -1.32 4.86
C VAL A 214 -16.66 -0.65 6.17
N ASN A 215 -15.37 -0.33 6.32
CA ASN A 215 -14.88 0.41 7.49
C ASN A 215 -14.11 1.63 7.01
N HIS A 216 -14.56 2.81 7.42
CA HIS A 216 -13.83 4.06 7.22
C HIS A 216 -13.53 4.59 8.61
N LYS A 217 -12.38 4.19 9.16
CA LYS A 217 -12.02 4.60 10.51
C LYS A 217 -11.88 6.11 10.68
N PRO A 218 -11.36 6.89 9.72
CA PRO A 218 -11.23 8.35 9.95
C PRO A 218 -12.55 9.06 10.25
N SER A 219 -13.68 8.51 9.80
CA SER A 219 -14.98 9.04 10.18
C SER A 219 -15.68 8.15 11.20
N ASN A 220 -14.98 7.14 11.73
CA ASN A 220 -15.52 6.23 12.75
C ASN A 220 -16.83 5.58 12.30
N THR A 221 -16.85 5.15 11.04
CA THR A 221 -18.08 4.73 10.38
C THR A 221 -17.90 3.34 9.78
N LYS A 222 -18.82 2.44 10.11
CA LYS A 222 -18.88 1.12 9.51
C LYS A 222 -20.24 0.96 8.84
N VAL A 223 -20.23 0.34 7.66
CA VAL A 223 -21.44 0.01 6.94
C VAL A 223 -21.37 -1.44 6.47
N ASP A 224 -22.36 -2.23 6.85
CA ASP A 224 -22.55 -3.59 6.33
C ASP A 224 -23.72 -3.55 5.35
N LYS A 225 -23.42 -3.72 4.07
CA LYS A 225 -24.39 -3.53 3.00
C LYS A 225 -24.70 -4.88 2.36
N ARG A 226 -25.97 -5.29 2.41
CA ARG A 226 -26.39 -6.50 1.75
C ARG A 226 -26.52 -6.23 0.25
N VAL A 227 -25.93 -7.09 -0.56
CA VAL A 227 -25.92 -6.94 -2.02
C VAL A 227 -26.88 -7.98 -2.59
N GLU A 228 -27.98 -7.52 -3.16
CA GLU A 228 -29.00 -8.42 -3.69
C GLU A 228 -29.17 -8.24 -5.19
N ILE A 229 -29.60 -9.32 -5.85
CA ILE A 229 -29.90 -9.30 -7.28
C ILE A 229 -31.37 -9.03 -7.49
N SER B 2 24.76 14.09 3.71
CA SER B 2 24.96 12.65 3.73
C SER B 2 23.66 11.90 3.49
N VAL B 3 23.59 11.23 2.33
CA VAL B 3 22.46 10.40 1.95
C VAL B 3 22.99 9.06 1.46
N LEU B 4 22.10 8.08 1.38
CA LEU B 4 22.39 6.82 0.71
C LEU B 4 21.72 6.85 -0.66
N THR B 5 22.49 6.59 -1.70
CA THR B 5 22.00 6.70 -3.06
C THR B 5 21.89 5.31 -3.67
N GLN B 6 20.69 4.98 -4.18
CA GLN B 6 20.44 3.79 -4.94
C GLN B 6 19.88 4.14 -6.31
N PRO B 7 20.24 3.39 -7.36
CA PRO B 7 19.53 3.53 -8.64
C PRO B 7 18.06 3.23 -8.46
N PRO B 8 17.17 4.05 -9.00
CA PRO B 8 15.73 3.84 -8.75
C PRO B 8 15.20 2.55 -9.33
N SER B 9 15.80 2.03 -10.39
CA SER B 9 15.27 0.84 -11.06
C SER B 9 16.40 -0.13 -11.35
N ALA B 10 16.04 -1.42 -11.39
CA ALA B 10 16.96 -2.48 -11.82
C ALA B 10 16.13 -3.59 -12.46
N SER B 11 16.79 -4.37 -13.30
CA SER B 11 16.10 -5.47 -13.95
C SER B 11 17.07 -6.62 -14.23
N GLY B 12 16.50 -7.81 -14.38
CA GLY B 12 17.26 -9.00 -14.74
C GLY B 12 16.34 -10.02 -15.35
N ALA B 13 16.95 -11.01 -16.01
CA ALA B 13 16.16 -12.04 -16.68
C ALA B 13 15.91 -13.20 -15.72
N PRO B 14 14.82 -13.96 -15.93
CA PRO B 14 14.56 -15.12 -15.07
C PRO B 14 15.70 -16.13 -15.13
N GLY B 15 16.07 -16.64 -13.96
CA GLY B 15 17.18 -17.56 -13.84
C GLY B 15 18.55 -16.91 -13.86
N GLN B 16 18.61 -15.61 -14.10
CA GLN B 16 19.86 -14.86 -14.15
C GLN B 16 20.05 -14.10 -12.84
N SER B 17 21.01 -13.20 -12.81
CA SER B 17 21.33 -12.45 -11.60
C SER B 17 21.18 -10.95 -11.83
N VAL B 18 21.17 -10.22 -10.73
CA VAL B 18 21.15 -8.76 -10.75
C VAL B 18 21.89 -8.27 -9.51
N THR B 19 22.49 -7.08 -9.62
CA THR B 19 23.18 -6.44 -8.51
C THR B 19 22.55 -5.07 -8.29
N ILE B 20 22.27 -4.74 -7.04
CA ILE B 20 21.66 -3.47 -6.66
C ILE B 20 22.68 -2.75 -5.78
N SER B 21 23.04 -1.52 -6.17
CA SER B 21 24.10 -0.80 -5.49
C SER B 21 23.54 0.21 -4.51
N CYS B 22 24.35 0.54 -3.52
CA CYS B 22 24.01 1.51 -2.49
C CYS B 22 25.26 2.31 -2.19
N SER B 23 25.21 3.62 -2.41
CA SER B 23 26.39 4.47 -2.30
C SER B 23 26.22 5.43 -1.11
N GLY B 24 27.26 5.52 -0.28
CA GLY B 24 27.21 6.40 0.87
C GLY B 24 28.50 7.17 1.10
N SER B 25 28.87 7.38 2.35
CA SER B 25 30.08 8.12 2.68
C SER B 25 30.79 7.44 3.84
N SER B 26 31.95 7.98 4.20
CA SER B 26 32.75 7.37 5.26
C SER B 26 31.99 7.32 6.58
N SER B 27 31.07 8.28 6.80
CA SER B 27 30.39 8.36 8.09
C SER B 27 29.24 7.36 8.21
N ASN B 28 28.73 6.79 7.12
CA ASN B 28 27.74 5.74 7.30
C ASN B 28 28.19 4.37 6.79
N ILE B 29 28.31 4.20 5.47
CA ILE B 29 28.68 2.89 4.96
C ILE B 29 30.17 2.64 5.22
N GLY B 30 30.97 3.70 5.14
CA GLY B 30 32.41 3.56 5.33
C GLY B 30 32.81 3.07 6.72
N SER B 31 31.92 3.18 7.71
CA SER B 31 32.29 2.79 9.07
C SER B 31 31.21 2.00 9.81
N ASN B 32 30.15 1.55 9.14
CA ASN B 32 29.08 0.84 9.82
C ASN B 32 28.55 -0.30 8.96
N TYR B 33 27.83 -1.22 9.62
CA TYR B 33 27.16 -2.30 8.92
C TYR B 33 26.07 -1.77 7.99
N VAL B 34 25.82 -2.50 6.91
CA VAL B 34 24.73 -2.18 5.98
C VAL B 34 23.63 -3.22 6.15
N TYR B 35 22.38 -2.77 6.01
CA TYR B 35 21.22 -3.63 6.13
C TYR B 35 20.38 -3.47 4.88
N TRP B 36 19.74 -4.56 4.45
CA TRP B 36 18.88 -4.51 3.28
C TRP B 36 17.47 -4.96 3.65
N TYR B 37 16.49 -4.33 3.00
CA TYR B 37 15.08 -4.60 3.26
C TYR B 37 14.38 -4.84 1.92
N GLN B 38 13.47 -5.80 1.92
CA GLN B 38 12.66 -6.14 0.75
C GLN B 38 11.21 -5.77 1.03
N GLN B 39 10.56 -5.10 0.08
CA GLN B 39 9.17 -4.70 0.26
C GLN B 39 8.34 -5.09 -0.96
N LEU B 40 7.42 -6.01 -0.77
CA LEU B 40 6.46 -6.39 -1.78
C LEU B 40 5.32 -5.37 -1.79
N PRO B 41 4.53 -5.33 -2.87
CA PRO B 41 3.46 -4.32 -2.95
C PRO B 41 2.46 -4.44 -1.81
N GLY B 42 2.19 -3.32 -1.16
CA GLY B 42 1.15 -3.26 -0.16
C GLY B 42 1.49 -3.88 1.18
N THR B 43 2.74 -4.29 1.40
CA THR B 43 3.14 -4.92 2.65
C THR B 43 4.27 -4.12 3.30
N ALA B 44 4.47 -4.38 4.59
CA ALA B 44 5.59 -3.78 5.30
C ALA B 44 6.90 -4.36 4.79
N PRO B 45 7.99 -3.60 4.88
CA PRO B 45 9.30 -4.16 4.52
C PRO B 45 9.65 -5.36 5.40
N LYS B 46 10.55 -6.19 4.88
CA LYS B 46 11.07 -7.33 5.62
C LYS B 46 12.59 -7.27 5.61
N LEU B 47 13.20 -7.59 6.75
CA LEU B 47 14.66 -7.67 6.81
C LEU B 47 15.16 -8.75 5.85
N LEU B 48 16.09 -8.37 4.99
CA LEU B 48 16.67 -9.28 4.00
C LEU B 48 18.14 -9.60 4.28
N ILE B 49 18.92 -8.60 4.68
CA ILE B 49 20.34 -8.76 4.96
C ILE B 49 20.65 -7.89 6.19
N TYR B 50 21.44 -8.44 7.11
CA TYR B 50 21.93 -7.67 8.25
C TYR B 50 23.43 -7.87 8.38
N TYR B 51 24.08 -6.91 9.03
CA TYR B 51 25.54 -6.92 9.22
C TYR B 51 26.27 -7.11 7.89
N SER B 52 25.71 -6.50 6.85
CA SER B 52 26.23 -6.34 5.49
C SER B 52 26.23 -7.61 4.66
N ASN B 53 26.26 -8.79 5.30
CA ASN B 53 26.32 -10.01 4.50
C ASN B 53 25.60 -11.21 5.12
N GLN B 54 24.83 -11.03 6.19
CA GLN B 54 24.18 -12.14 6.86
C GLN B 54 22.70 -12.18 6.52
N ARG B 55 22.15 -13.39 6.39
CA ARG B 55 20.76 -13.60 6.03
C ARG B 55 19.97 -14.05 7.25
N PRO B 56 18.80 -13.48 7.51
CA PRO B 56 17.93 -14.03 8.57
C PRO B 56 17.26 -15.31 8.09
N SER B 57 16.58 -15.96 9.02
CA SER B 57 15.87 -17.19 8.71
C SER B 57 14.78 -16.92 7.68
N GLY B 58 14.71 -17.76 6.65
CA GLY B 58 13.71 -17.64 5.61
C GLY B 58 14.18 -16.92 4.36
N VAL B 59 15.37 -16.36 4.35
CA VAL B 59 15.94 -15.72 3.17
C VAL B 59 16.82 -16.72 2.46
N PRO B 60 16.55 -17.05 1.20
CA PRO B 60 17.38 -18.04 0.49
C PRO B 60 18.77 -17.51 0.23
N ASP B 61 19.71 -18.44 0.04
CA ASP B 61 21.07 -18.01 -0.27
C ASP B 61 21.21 -17.45 -1.69
N ARG B 62 20.11 -17.38 -2.45
CA ARG B 62 20.11 -16.61 -3.68
C ARG B 62 20.43 -15.14 -3.43
N PHE B 63 20.13 -14.65 -2.22
CA PHE B 63 20.37 -13.27 -1.84
C PHE B 63 21.68 -13.19 -1.08
N SER B 64 22.56 -12.29 -1.50
CA SER B 64 23.83 -12.08 -0.82
C SER B 64 24.16 -10.60 -0.78
N GLY B 65 24.83 -10.20 0.29
CA GLY B 65 25.22 -8.81 0.48
C GLY B 65 26.72 -8.67 0.64
N SER B 66 27.22 -7.49 0.29
CA SER B 66 28.64 -7.18 0.45
C SER B 66 28.80 -5.68 0.57
N LYS B 67 29.98 -5.27 1.01
CA LYS B 67 30.29 -3.86 1.12
C LYS B 67 31.77 -3.67 0.86
N SER B 68 32.12 -2.55 0.23
CA SER B 68 33.53 -2.23 0.02
C SER B 68 33.67 -0.71 0.04
N GLY B 69 34.49 -0.21 0.96
CA GLY B 69 34.65 1.23 1.10
C GLY B 69 33.33 1.87 1.50
N THR B 70 32.88 2.84 0.72
CA THR B 70 31.67 3.60 1.02
C THR B 70 30.48 3.18 0.17
N SER B 71 30.52 1.98 -0.41
CA SER B 71 29.37 1.46 -1.14
C SER B 71 29.08 0.03 -0.70
N ALA B 72 27.85 -0.40 -0.95
CA ALA B 72 27.40 -1.73 -0.63
C ALA B 72 26.59 -2.27 -1.80
N SER B 73 26.43 -3.59 -1.85
CA SER B 73 25.74 -4.21 -2.97
C SER B 73 24.89 -5.39 -2.49
N LEU B 74 23.68 -5.46 -3.04
CA LEU B 74 22.82 -6.63 -2.90
C LEU B 74 22.83 -7.38 -4.24
N ALA B 75 23.19 -8.66 -4.20
CA ALA B 75 23.18 -9.51 -5.37
C ALA B 75 22.11 -10.57 -5.23
N ILE B 76 21.34 -10.78 -6.29
CA ILE B 76 20.30 -11.81 -6.33
C ILE B 76 20.57 -12.70 -7.53
N THR B 77 20.71 -13.99 -7.30
CA THR B 77 20.87 -14.96 -8.35
C THR B 77 19.60 -15.77 -8.52
N GLY B 78 19.53 -16.53 -9.61
CA GLY B 78 18.38 -17.37 -9.92
C GLY B 78 17.08 -16.61 -9.85
N LEU B 79 17.02 -15.48 -10.55
CA LEU B 79 15.91 -14.56 -10.39
C LEU B 79 14.57 -15.23 -10.72
N ARG B 80 13.57 -14.95 -9.89
CA ARG B 80 12.21 -15.41 -10.08
C ARG B 80 11.28 -14.21 -10.10
N SER B 81 10.13 -14.36 -10.77
CA SER B 81 9.15 -13.29 -10.80
C SER B 81 8.76 -12.84 -9.40
N GLU B 82 8.79 -13.75 -8.42
CA GLU B 82 8.45 -13.41 -7.05
C GLU B 82 9.43 -12.44 -6.42
N ASP B 83 10.62 -12.26 -7.01
CA ASP B 83 11.60 -11.32 -6.48
C ASP B 83 11.28 -9.88 -6.83
N GLU B 84 10.31 -9.62 -7.70
CA GLU B 84 9.94 -8.24 -7.98
C GLU B 84 9.49 -7.55 -6.70
N ALA B 85 10.20 -6.50 -6.31
CA ALA B 85 9.96 -5.81 -5.06
C ALA B 85 10.78 -4.54 -5.09
N ASP B 86 10.61 -3.73 -4.05
CA ASP B 86 11.47 -2.58 -3.78
C ASP B 86 12.50 -2.99 -2.73
N TYR B 87 13.77 -2.75 -3.04
CA TYR B 87 14.87 -3.11 -2.14
C TYR B 87 15.52 -1.83 -1.63
N TYR B 88 15.63 -1.71 -0.30
CA TYR B 88 16.23 -0.54 0.34
C TYR B 88 17.47 -0.95 1.11
N CYS B 89 18.54 -0.18 0.96
CA CYS B 89 19.65 -0.29 1.89
C CYS B 89 19.45 0.65 3.07
N ALA B 90 20.18 0.38 4.16
CA ALA B 90 20.07 1.17 5.37
C ALA B 90 21.38 1.08 6.14
N ALA B 91 21.71 2.17 6.84
CA ALA B 91 22.93 2.21 7.63
C ALA B 91 22.85 3.33 8.66
N TRP B 92 23.54 3.12 9.77
CA TRP B 92 23.70 4.18 10.76
C TRP B 92 24.73 5.18 10.26
N ASP B 93 24.47 6.46 10.51
CA ASP B 93 25.40 7.53 10.16
C ASP B 93 25.93 8.16 11.45
N ASN B 94 27.26 8.14 11.60
CA ASN B 94 27.88 8.66 12.83
C ASN B 94 27.74 10.17 12.94
N SER B 95 27.80 10.88 11.81
CA SER B 95 27.71 12.34 11.85
C SER B 95 26.32 12.79 12.26
N LEU B 96 25.29 12.24 11.62
CA LEU B 96 23.92 12.66 11.86
C LEU B 96 23.27 11.95 13.04
N SER B 97 23.89 10.89 13.56
CA SER B 97 23.29 10.05 14.60
C SER B 97 21.88 9.61 14.19
N SER B 98 21.81 8.99 13.02
CA SER B 98 20.53 8.62 12.44
C SER B 98 20.69 7.37 11.60
N VAL B 99 19.61 6.62 11.49
CA VAL B 99 19.52 5.57 10.48
C VAL B 99 19.17 6.24 9.15
N LEU B 100 19.98 5.98 8.13
CA LEU B 100 19.68 6.44 6.78
C LEU B 100 19.15 5.29 5.93
N PHE B 101 18.21 5.61 5.05
CA PHE B 101 17.73 4.69 4.04
C PHE B 101 18.17 5.18 2.66
N GLY B 102 18.52 4.24 1.79
CA GLY B 102 18.60 4.58 0.39
C GLY B 102 17.22 4.83 -0.17
N GLY B 103 17.18 5.40 -1.37
CA GLY B 103 15.91 5.74 -1.97
C GLY B 103 15.09 4.55 -2.43
N GLY B 104 15.68 3.36 -2.45
CA GLY B 104 15.02 2.16 -2.92
C GLY B 104 15.25 1.90 -4.40
N THR B 105 15.35 0.61 -4.74
CA THR B 105 15.52 0.16 -6.12
C THR B 105 14.37 -0.79 -6.45
N ARG B 106 13.56 -0.45 -7.45
CA ARG B 106 12.46 -1.30 -7.89
C ARG B 106 13.01 -2.32 -8.88
N LEU B 107 12.89 -3.60 -8.53
CA LEU B 107 13.40 -4.68 -9.36
C LEU B 107 12.30 -5.20 -10.28
N THR B 108 12.59 -5.22 -11.58
CA THR B 108 11.74 -5.86 -12.58
C THR B 108 12.41 -7.14 -13.07
N VAL B 109 11.65 -8.23 -13.09
CA VAL B 109 12.10 -9.47 -13.69
C VAL B 109 11.57 -9.51 -15.11
N LEU B 110 12.48 -9.63 -16.08
CA LEU B 110 12.11 -9.53 -17.47
C LEU B 110 11.42 -10.80 -17.95
N GLY B 111 10.87 -10.73 -19.15
CA GLY B 111 10.35 -11.90 -19.85
C GLY B 111 8.98 -12.39 -19.42
N GLN B 112 8.29 -11.68 -18.52
CA GLN B 112 6.98 -12.16 -18.10
C GLN B 112 5.97 -12.02 -19.24
N PRO B 113 5.09 -13.01 -19.42
CA PRO B 113 4.23 -13.02 -20.60
C PRO B 113 3.13 -11.98 -20.54
N LYS B 114 2.68 -11.58 -21.72
CA LYS B 114 1.54 -10.66 -21.82
C LYS B 114 0.29 -11.31 -21.26
N ALA B 115 -0.52 -10.51 -20.58
CA ALA B 115 -1.78 -10.96 -20.03
C ALA B 115 -2.85 -9.93 -20.37
N ALA B 116 -3.92 -10.37 -21.02
CA ALA B 116 -4.98 -9.46 -21.41
C ALA B 116 -5.85 -9.11 -20.19
N PRO B 117 -6.37 -7.89 -20.14
CA PRO B 117 -7.18 -7.50 -18.98
C PRO B 117 -8.52 -8.23 -18.94
N SER B 118 -8.97 -8.53 -17.73
CA SER B 118 -10.36 -8.90 -17.50
C SER B 118 -11.12 -7.62 -17.14
N VAL B 119 -12.28 -7.42 -17.78
CA VAL B 119 -13.03 -6.19 -17.67
C VAL B 119 -14.43 -6.50 -17.19
N THR B 120 -14.86 -5.81 -16.11
CA THR B 120 -16.19 -5.93 -15.55
C THR B 120 -16.81 -4.54 -15.48
N LEU B 121 -18.01 -4.39 -16.02
CA LEU B 121 -18.69 -3.09 -16.08
C LEU B 121 -19.99 -3.17 -15.30
N PHE B 122 -20.18 -2.25 -14.36
CA PHE B 122 -21.40 -2.18 -13.56
C PHE B 122 -22.20 -0.95 -13.93
N PRO B 123 -23.52 -1.08 -14.14
CA PRO B 123 -24.38 0.10 -14.24
C PRO B 123 -24.57 0.73 -12.88
N PRO B 124 -25.15 1.92 -12.81
CA PRO B 124 -25.48 2.50 -11.50
C PRO B 124 -26.52 1.64 -10.79
N SER B 125 -26.46 1.67 -9.46
CA SER B 125 -27.47 1.03 -8.64
C SER B 125 -28.73 1.89 -8.57
N SER B 126 -29.86 1.25 -8.33
CA SER B 126 -31.10 2.01 -8.17
C SER B 126 -31.04 2.90 -6.94
N GLU B 127 -30.24 2.56 -5.94
CA GLU B 127 -30.09 3.43 -4.78
C GLU B 127 -29.42 4.74 -5.16
N GLU B 128 -28.34 4.67 -5.94
CA GLU B 128 -27.69 5.91 -6.37
C GLU B 128 -28.60 6.70 -7.30
N LEU B 129 -29.36 6.00 -8.16
CA LEU B 129 -30.26 6.68 -9.07
C LEU B 129 -31.32 7.49 -8.32
N GLN B 130 -31.78 7.03 -7.16
CA GLN B 130 -32.74 7.79 -6.38
C GLN B 130 -32.15 9.12 -5.92
N ALA B 131 -30.84 9.18 -5.74
CA ALA B 131 -30.15 10.42 -5.42
C ALA B 131 -29.80 11.22 -6.66
N ASN B 132 -30.41 10.89 -7.80
CA ASN B 132 -30.24 11.61 -9.06
C ASN B 132 -28.81 11.55 -9.57
N LYS B 133 -28.08 10.49 -9.23
CA LYS B 133 -26.71 10.31 -9.68
C LYS B 133 -26.53 8.93 -10.29
N ALA B 134 -25.52 8.79 -11.14
CA ALA B 134 -25.29 7.54 -11.86
C ALA B 134 -23.80 7.37 -12.09
N THR B 135 -23.18 6.47 -11.34
CA THR B 135 -21.77 6.18 -11.50
C THR B 135 -21.64 4.80 -12.15
N LEU B 136 -21.01 4.77 -13.31
CA LEU B 136 -20.67 3.52 -13.98
C LEU B 136 -19.25 3.13 -13.57
N VAL B 137 -19.05 1.85 -13.25
CA VAL B 137 -17.78 1.38 -12.71
C VAL B 137 -17.21 0.31 -13.63
N CYS B 138 -15.98 0.54 -14.10
CA CYS B 138 -15.30 -0.35 -15.04
C CYS B 138 -14.04 -0.86 -14.36
N LEU B 139 -14.05 -2.14 -13.98
CA LEU B 139 -12.95 -2.74 -13.24
C LEU B 139 -12.08 -3.58 -14.17
N ILE B 140 -10.76 -3.41 -14.03
CA ILE B 140 -9.79 -3.91 -14.99
C ILE B 140 -8.69 -4.60 -14.22
N SER B 141 -8.50 -5.90 -14.44
CA SER B 141 -7.59 -6.66 -13.59
C SER B 141 -6.81 -7.69 -14.39
N ASP B 142 -5.68 -8.11 -13.82
CA ASP B 142 -4.87 -9.22 -14.32
C ASP B 142 -4.27 -8.96 -15.69
N PHE B 143 -3.86 -7.72 -15.96
CA PHE B 143 -3.21 -7.41 -17.21
C PHE B 143 -1.71 -7.19 -17.00
N TYR B 144 -0.94 -7.49 -18.04
CA TYR B 144 0.51 -7.32 -18.03
C TYR B 144 0.98 -7.11 -19.46
N PRO B 145 1.81 -6.10 -19.74
CA PRO B 145 2.42 -5.12 -18.83
C PRO B 145 1.41 -4.12 -18.27
N GLY B 146 1.84 -3.29 -17.32
CA GLY B 146 0.93 -2.44 -16.59
C GLY B 146 0.64 -1.08 -17.21
N ALA B 147 -0.01 -1.08 -18.37
CA ALA B 147 -0.38 0.16 -19.03
C ALA B 147 -1.60 -0.11 -19.88
N VAL B 148 -2.68 0.63 -19.64
CA VAL B 148 -3.92 0.51 -20.40
C VAL B 148 -4.40 1.91 -20.76
N GLU B 149 -5.21 1.97 -21.82
CA GLU B 149 -5.95 3.17 -22.18
C GLU B 149 -7.43 2.84 -22.02
N VAL B 150 -8.19 3.73 -21.41
CA VAL B 150 -9.61 3.49 -21.17
C VAL B 150 -10.40 4.61 -21.84
N ALA B 151 -11.36 4.22 -22.68
CA ALA B 151 -12.26 5.15 -23.34
C ALA B 151 -13.69 4.77 -23.00
N TRP B 152 -14.55 5.77 -22.85
CA TRP B 152 -15.97 5.55 -22.62
C TRP B 152 -16.77 5.98 -23.83
N LYS B 153 -17.87 5.29 -24.07
CA LYS B 153 -18.75 5.57 -25.20
C LYS B 153 -20.18 5.73 -24.72
N ALA B 154 -20.91 6.65 -25.34
CA ALA B 154 -22.35 6.80 -25.15
C ALA B 154 -22.99 6.63 -26.52
N ASP B 155 -23.76 5.55 -26.68
CA ASP B 155 -24.31 5.17 -28.00
C ASP B 155 -23.19 5.12 -29.04
N GLY B 156 -22.03 4.62 -28.64
CA GLY B 156 -20.91 4.51 -29.55
C GLY B 156 -20.16 5.80 -29.83
N SER B 157 -20.54 6.91 -29.20
CA SER B 157 -19.86 8.19 -29.35
C SER B 157 -18.93 8.41 -28.16
N ALA B 158 -17.72 8.90 -28.43
CA ALA B 158 -16.72 9.03 -27.36
C ALA B 158 -17.18 10.02 -26.29
N VAL B 159 -17.12 9.60 -25.03
CA VAL B 159 -17.51 10.42 -23.89
C VAL B 159 -16.31 11.22 -23.42
N ASN B 160 -16.52 12.52 -23.17
CA ASN B 160 -15.46 13.38 -22.67
C ASN B 160 -15.64 13.76 -21.20
N ALA B 161 -16.83 14.19 -20.81
CA ALA B 161 -17.05 14.66 -19.46
C ALA B 161 -17.22 13.50 -18.49
N GLY B 162 -16.68 13.65 -17.29
CA GLY B 162 -17.01 12.79 -16.17
C GLY B 162 -16.20 11.52 -16.04
N VAL B 163 -15.12 11.37 -16.80
CA VAL B 163 -14.29 10.15 -16.77
C VAL B 163 -13.13 10.35 -15.81
N GLU B 164 -12.89 9.35 -14.96
CA GLU B 164 -11.73 9.36 -14.09
C GLU B 164 -11.20 7.94 -13.98
N THR B 165 -9.90 7.77 -14.25
CA THR B 165 -9.28 6.46 -14.36
C THR B 165 -8.06 6.41 -13.47
N THR B 166 -7.93 5.32 -12.70
CA THR B 166 -6.80 5.21 -11.80
C THR B 166 -5.53 4.84 -12.56
N LYS B 167 -4.39 5.14 -11.93
CA LYS B 167 -3.13 4.58 -12.41
C LYS B 167 -3.16 3.07 -12.21
N PRO B 168 -2.42 2.31 -13.02
CA PRO B 168 -2.31 0.87 -12.77
C PRO B 168 -1.54 0.64 -11.47
N SER B 169 -1.94 -0.41 -10.75
CA SER B 169 -1.24 -0.79 -9.52
C SER B 169 -0.91 -2.27 -9.57
N LYS B 170 0.30 -2.61 -9.16
CA LYS B 170 0.75 -4.00 -9.24
C LYS B 170 -0.02 -4.86 -8.24
N GLN B 171 -0.58 -5.96 -8.74
CA GLN B 171 -1.27 -6.92 -7.90
C GLN B 171 -0.27 -7.86 -7.24
N SER B 172 -0.76 -8.64 -6.28
CA SER B 172 0.10 -9.60 -5.60
C SER B 172 0.63 -10.68 -6.54
N ASN B 173 -0.04 -10.91 -7.67
CA ASN B 173 0.37 -11.95 -8.60
C ASN B 173 1.27 -11.42 -9.73
N ASN B 174 1.80 -10.20 -9.58
CA ASN B 174 2.71 -9.51 -10.49
C ASN B 174 2.00 -8.95 -11.71
N LYS B 175 0.69 -9.14 -11.84
CA LYS B 175 -0.07 -8.45 -12.87
C LYS B 175 -0.62 -7.15 -12.28
N TYR B 176 -1.40 -6.42 -13.07
CA TYR B 176 -1.84 -5.09 -12.69
C TYR B 176 -3.36 -4.98 -12.67
N ALA B 177 -3.82 -3.98 -11.92
CA ALA B 177 -5.23 -3.66 -11.85
C ALA B 177 -5.42 -2.16 -12.00
N ALA B 178 -6.60 -1.78 -12.49
CA ALA B 178 -6.96 -0.37 -12.63
C ALA B 178 -8.48 -0.32 -12.60
N SER B 179 -9.02 0.88 -12.42
CA SER B 179 -10.46 1.07 -12.50
C SER B 179 -10.74 2.42 -13.13
N SER B 180 -11.92 2.51 -13.75
CA SER B 180 -12.33 3.75 -14.38
C SER B 180 -13.77 4.00 -13.97
N TYR B 181 -14.09 5.28 -13.76
CA TYR B 181 -15.39 5.71 -13.26
C TYR B 181 -15.96 6.76 -14.20
N LEU B 182 -17.19 6.54 -14.66
CA LEU B 182 -17.94 7.53 -15.42
C LEU B 182 -19.05 8.06 -14.52
N SER B 183 -18.91 9.31 -14.08
CA SER B 183 -19.84 9.93 -13.13
C SER B 183 -20.87 10.73 -13.91
N LEU B 184 -22.11 10.29 -13.88
CA LEU B 184 -23.20 10.91 -14.61
C LEU B 184 -24.26 11.40 -13.63
N THR B 185 -25.18 12.23 -14.14
CA THR B 185 -26.44 12.39 -13.45
C THR B 185 -27.37 11.27 -13.87
N SER B 186 -28.46 11.10 -13.11
CA SER B 186 -29.47 10.11 -13.48
C SER B 186 -30.09 10.46 -14.83
N ASP B 187 -30.26 11.74 -15.11
CA ASP B 187 -30.84 12.15 -16.39
C ASP B 187 -29.92 11.78 -17.55
N GLN B 188 -28.61 12.01 -17.39
CA GLN B 188 -27.68 11.66 -18.46
C GLN B 188 -27.65 10.16 -18.70
N TRP B 189 -27.72 9.36 -17.63
CA TRP B 189 -27.66 7.91 -17.79
C TRP B 189 -28.83 7.38 -18.60
N LYS B 190 -30.04 7.88 -18.33
CA LYS B 190 -31.21 7.40 -19.04
C LYS B 190 -31.35 8.03 -20.42
N SER B 191 -30.50 9.00 -20.77
CA SER B 191 -30.65 9.73 -22.02
C SER B 191 -30.05 9.00 -23.22
N HIS B 192 -29.27 7.95 -23.00
CA HIS B 192 -28.68 7.20 -24.09
C HIS B 192 -29.08 5.73 -24.00
N LYS B 193 -29.06 5.06 -25.16
CA LYS B 193 -29.48 3.67 -25.20
C LYS B 193 -28.45 2.77 -24.55
N SER B 194 -27.18 3.12 -24.63
CA SER B 194 -26.13 2.28 -24.06
C SER B 194 -24.91 3.12 -23.72
N TYR B 195 -24.07 2.56 -22.84
CA TYR B 195 -22.75 3.08 -22.52
C TYR B 195 -21.75 1.95 -22.57
N SER B 196 -20.52 2.26 -22.98
CA SER B 196 -19.49 1.24 -23.12
C SER B 196 -18.20 1.70 -22.45
N CYS B 197 -17.51 0.74 -21.85
CA CYS B 197 -16.15 0.94 -21.34
C CYS B 197 -15.21 0.14 -22.23
N GLN B 198 -14.32 0.84 -22.95
CA GLN B 198 -13.38 0.22 -23.88
C GLN B 198 -11.97 0.32 -23.32
N VAL B 199 -11.33 -0.84 -23.11
CA VAL B 199 -10.00 -0.91 -22.51
C VAL B 199 -9.03 -1.41 -23.58
N THR B 200 -8.04 -0.58 -23.91
CA THR B 200 -7.03 -0.93 -24.89
C THR B 200 -5.76 -1.31 -24.16
N HIS B 201 -5.18 -2.45 -24.57
CA HIS B 201 -3.99 -2.99 -23.91
C HIS B 201 -3.14 -3.67 -24.97
N GLU B 202 -1.91 -3.19 -25.16
CA GLU B 202 -0.97 -3.79 -26.11
C GLU B 202 -1.60 -3.91 -27.50
N GLY B 203 -2.32 -2.86 -27.91
CA GLY B 203 -2.81 -2.78 -29.26
C GLY B 203 -4.11 -3.50 -29.53
N SER B 204 -4.69 -4.18 -28.55
CA SER B 204 -5.97 -4.86 -28.68
C SER B 204 -6.93 -4.35 -27.62
N THR B 205 -8.23 -4.47 -27.89
CA THR B 205 -9.24 -3.86 -27.03
C THR B 205 -10.23 -4.90 -26.51
N VAL B 206 -10.76 -4.60 -25.32
CA VAL B 206 -11.87 -5.33 -24.71
C VAL B 206 -12.92 -4.30 -24.32
N GLU B 207 -14.16 -4.48 -24.81
CA GLU B 207 -15.22 -3.50 -24.58
C GLU B 207 -16.46 -4.16 -24.00
N LYS B 208 -16.99 -3.59 -22.92
CA LYS B 208 -18.21 -4.05 -22.27
C LYS B 208 -19.27 -2.96 -22.40
N THR B 209 -20.53 -3.36 -22.56
CA THR B 209 -21.63 -2.44 -22.77
C THR B 209 -22.73 -2.70 -21.74
N VAL B 210 -23.32 -1.61 -21.22
CA VAL B 210 -24.51 -1.67 -20.39
C VAL B 210 -25.55 -0.71 -20.95
N ALA B 211 -26.81 -1.01 -20.64
CA ALA B 211 -27.93 -0.22 -21.13
C ALA B 211 -28.94 0.00 -20.02
N PRO B 212 -29.51 1.20 -19.91
CA PRO B 212 -30.63 1.40 -18.99
C PRO B 212 -31.78 0.47 -19.33
N ALA B 213 -32.10 -0.42 -18.39
CA ALA B 213 -33.10 -1.45 -18.62
C ALA B 213 -34.51 -0.90 -18.42
#